data_3ENQ
#
_entry.id   3ENQ
#
_cell.length_a   77.094
_cell.length_b   77.094
_cell.length_c   189.995
_cell.angle_alpha   90.000
_cell.angle_beta   90.000
_cell.angle_gamma   120.000
#
_symmetry.space_group_name_H-M   'H 3'
#
loop_
_entity.id
_entity.type
_entity.pdbx_description
1 polymer 'Ribose-5-phosphate isomerase A'
2 water water
#
_entity_poly.entity_id   1
_entity_poly.type   'polypeptide(L)'
_entity_poly.pdbx_seq_one_letter_code
;GSHMASMTGGQQMGRGSMTQDEMKKAAGWAALKYVEKGSIVGVGTGSTVNHFIDALGTMSEEIKGAVSSSVASTEKLEAL
GIKIFDCNEVASLDIYVDGADEINADREMIKGGGAALTREKIVAAIADKFICIVDGTKAVDVLGTFPLPVEVIPMARSYV
ARQLVKLGGDPCYREGVITDNGNVILDVYGMKITNPKQLEDQINAIPGVVTVGLFAHRGADVVITGTPEGAKIEE
;
_entity_poly.pdbx_strand_id   A,B
#
# COMPACT_ATOMS: atom_id res chain seq x y z
N THR A 19 32.10 5.77 11.80
CA THR A 19 32.36 7.03 12.58
C THR A 19 32.99 8.28 11.83
N GLN A 20 34.08 8.18 11.06
CA GLN A 20 34.57 7.05 10.22
C GLN A 20 33.63 6.70 9.10
N ASP A 21 33.50 7.66 8.19
CA ASP A 21 33.10 7.36 6.82
C ASP A 21 34.36 7.10 6.01
N GLU A 22 35.34 6.48 6.68
CA GLU A 22 36.44 5.78 6.04
C GLU A 22 36.04 4.31 5.93
N MET A 23 35.32 3.80 6.94
CA MET A 23 34.75 2.45 6.86
C MET A 23 33.52 2.46 5.97
N LYS A 24 32.80 3.58 5.97
CA LYS A 24 31.73 3.78 4.98
C LYS A 24 32.28 3.63 3.54
N LYS A 25 33.45 4.22 3.27
CA LYS A 25 34.09 4.14 1.93
C LYS A 25 34.69 2.77 1.61
N ALA A 26 35.34 2.14 2.58
CA ALA A 26 35.81 0.77 2.43
C ALA A 26 34.63 -0.09 1.97
N ALA A 27 33.55 -0.06 2.78
CA ALA A 27 32.30 -0.79 2.50
C ALA A 27 31.79 -0.49 1.09
N GLY A 28 31.46 0.75 0.76
CA GLY A 28 31.01 1.14 -0.59
C GLY A 28 31.86 0.72 -1.78
N TRP A 29 33.18 0.85 -1.71
CA TRP A 29 34.05 0.35 -2.78
C TRP A 29 34.09 -1.19 -2.82
N ALA A 30 33.81 -1.80 -1.68
CA ALA A 30 33.85 -3.26 -1.57
C ALA A 30 32.77 -3.90 -2.48
N ALA A 31 31.63 -3.19 -2.63
CA ALA A 31 30.51 -3.62 -3.50
C ALA A 31 30.82 -3.63 -5.01
N LEU A 32 31.88 -2.95 -5.43
CA LEU A 32 32.15 -2.84 -6.88
C LEU A 32 32.41 -4.21 -7.57
N LYS A 33 32.82 -5.18 -6.76
CA LYS A 33 33.09 -6.56 -7.21
C LYS A 33 31.84 -7.29 -7.68
N TYR A 34 30.66 -6.85 -7.21
CA TYR A 34 29.37 -7.40 -7.68
C TYR A 34 28.86 -6.87 -9.05
N VAL A 35 29.50 -5.79 -9.53
CA VAL A 35 29.10 -5.12 -10.75
C VAL A 35 29.71 -5.75 -12.01
N GLU A 36 28.82 -6.27 -12.87
CA GLU A 36 29.16 -6.95 -14.11
C GLU A 36 29.22 -6.01 -15.29
N LYS A 37 30.24 -6.17 -16.13
CA LYS A 37 30.20 -5.59 -17.48
C LYS A 37 28.80 -5.72 -18.15
N GLY A 38 28.38 -4.66 -18.86
CA GLY A 38 27.15 -4.75 -19.67
C GLY A 38 25.80 -4.62 -18.98
N SER A 39 25.84 -4.54 -17.65
CA SER A 39 24.65 -4.46 -16.79
C SER A 39 24.11 -3.05 -16.42
N ILE A 40 22.85 -3.05 -16.01
CA ILE A 40 22.17 -1.95 -15.32
C ILE A 40 22.19 -2.20 -13.80
N VAL A 41 22.73 -1.26 -13.07
CA VAL A 41 22.97 -1.40 -11.65
C VAL A 41 21.84 -0.67 -10.84
N GLY A 42 21.26 -1.36 -9.86
CA GLY A 42 20.29 -0.76 -8.94
C GLY A 42 21.07 -0.05 -7.87
N VAL A 43 20.72 1.20 -7.59
CA VAL A 43 21.51 2.00 -6.65
C VAL A 43 20.64 2.66 -5.61
N GLY A 44 20.97 2.49 -4.35
CA GLY A 44 20.15 3.14 -3.30
C GLY A 44 20.63 4.55 -2.98
N THR A 45 20.68 4.88 -1.70
CA THR A 45 21.30 6.12 -1.24
C THR A 45 21.89 6.03 0.16
N GLY A 46 22.49 7.13 0.57
CA GLY A 46 23.21 7.19 1.81
C GLY A 46 24.64 7.56 1.51
N SER A 47 25.37 7.91 2.57
CA SER A 47 26.77 8.31 2.47
C SER A 47 27.61 7.11 2.04
N THR A 48 27.20 5.92 2.46
CA THR A 48 27.96 4.73 2.12
C THR A 48 27.69 4.23 0.69
N VAL A 49 26.46 4.42 0.21
CA VAL A 49 26.17 4.24 -1.24
C VAL A 49 26.85 5.32 -2.10
N ASN A 50 26.87 6.57 -1.63
CA ASN A 50 27.51 7.63 -2.37
C ASN A 50 29.04 7.37 -2.61
N HIS A 51 29.69 6.67 -1.66
CA HIS A 51 31.03 6.10 -1.93
C HIS A 51 31.02 4.96 -2.95
N PHE A 52 30.00 4.10 -2.95
CA PHE A 52 29.81 3.14 -4.04
C PHE A 52 29.56 3.80 -5.41
N ILE A 53 28.91 4.96 -5.44
CA ILE A 53 28.70 5.66 -6.71
C ILE A 53 30.06 6.25 -7.20
N ASP A 54 30.97 6.54 -6.27
CA ASP A 54 32.31 7.00 -6.65
C ASP A 54 33.10 5.87 -7.28
N ALA A 55 32.93 4.66 -6.73
CA ALA A 55 33.47 3.42 -7.30
C ALA A 55 32.88 3.10 -8.65
N LEU A 56 31.55 3.18 -8.74
CA LEU A 56 30.83 2.85 -9.96
C LEU A 56 31.20 3.71 -11.19
N GLY A 57 31.40 5.02 -11.00
CA GLY A 57 31.89 5.93 -12.06
C GLY A 57 33.28 5.59 -12.60
N THR A 58 34.03 4.84 -11.80
CA THR A 58 35.34 4.29 -12.13
C THR A 58 35.19 3.30 -13.27
N MET A 59 33.97 2.79 -13.45
CA MET A 59 33.66 1.92 -14.61
C MET A 59 32.41 2.34 -15.40
N SER A 60 32.22 3.65 -15.54
CA SER A 60 31.09 4.26 -16.26
C SER A 60 30.87 3.67 -17.62
N GLU A 61 32.00 3.34 -18.24
CA GLU A 61 32.16 2.85 -19.59
C GLU A 61 31.69 1.42 -19.76
N GLU A 62 31.75 0.61 -18.72
CA GLU A 62 31.55 -0.82 -18.87
C GLU A 62 30.16 -1.31 -18.49
N ILE A 63 29.30 -0.35 -18.17
CA ILE A 63 27.98 -0.53 -17.52
C ILE A 63 26.95 0.09 -18.46
N LYS A 64 25.79 -0.56 -18.60
CA LYS A 64 24.72 -0.12 -19.50
C LYS A 64 23.99 1.12 -18.92
N GLY A 65 23.85 1.11 -17.60
CA GLY A 65 23.25 2.23 -16.87
C GLY A 65 22.90 1.83 -15.45
N ALA A 66 22.03 2.63 -14.88
CA ALA A 66 21.59 2.50 -13.50
C ALA A 66 20.08 2.79 -13.34
N VAL A 67 19.49 2.13 -12.35
CA VAL A 67 18.16 2.45 -11.80
C VAL A 67 18.42 2.96 -10.41
N SER A 68 17.80 4.07 -10.05
CA SER A 68 18.00 4.57 -8.70
C SER A 68 16.72 4.84 -7.93
N SER A 69 16.81 4.60 -6.62
CA SER A 69 15.68 4.88 -5.71
C SER A 69 15.79 6.28 -5.08
N SER A 70 16.79 7.08 -5.49
CA SER A 70 17.10 8.37 -4.84
C SER A 70 17.47 9.53 -5.82
N VAL A 71 16.89 10.72 -5.61
CA VAL A 71 17.16 11.90 -6.49
C VAL A 71 18.66 12.24 -6.49
N ALA A 72 19.22 12.29 -5.28
CA ALA A 72 20.62 12.60 -5.05
C ALA A 72 21.53 11.66 -5.84
N SER A 73 21.29 10.35 -5.75
CA SER A 73 22.08 9.36 -6.47
C SER A 73 21.94 9.49 -7.96
N THR A 74 20.72 9.72 -8.46
CA THR A 74 20.54 9.77 -9.91
C THR A 74 21.21 11.01 -10.55
N GLU A 75 21.11 12.16 -9.90
CA GLU A 75 21.85 13.37 -10.29
C GLU A 75 23.35 13.16 -10.32
N LYS A 76 23.84 12.41 -9.32
CA LYS A 76 25.24 11.97 -9.20
C LYS A 76 25.68 10.99 -10.31
N LEU A 77 24.85 9.98 -10.57
CA LEU A 77 25.12 9.03 -11.63
C LEU A 77 25.12 9.69 -12.98
N GLU A 78 24.17 10.58 -13.24
CA GLU A 78 24.09 11.34 -14.51
C GLU A 78 25.31 12.19 -14.83
N ALA A 79 25.70 12.99 -13.83
CA ALA A 79 26.90 13.80 -13.80
C ALA A 79 28.16 12.95 -14.07
N LEU A 80 28.20 11.69 -13.63
CA LEU A 80 29.24 10.75 -14.07
C LEU A 80 29.00 10.17 -15.47
N GLY A 81 27.96 10.69 -16.14
CA GLY A 81 27.49 10.23 -17.49
C GLY A 81 26.96 8.80 -17.57
N ILE A 82 26.47 8.26 -16.47
CA ILE A 82 25.84 6.89 -16.47
C ILE A 82 24.35 7.01 -16.86
N LYS A 83 23.94 6.30 -17.92
CA LYS A 83 22.54 6.27 -18.37
C LYS A 83 21.55 5.90 -17.25
N ILE A 84 20.47 6.68 -17.08
CA ILE A 84 19.39 6.34 -16.10
C ILE A 84 18.20 5.64 -16.76
N PHE A 85 17.86 4.49 -16.21
CA PHE A 85 16.65 3.77 -16.57
C PHE A 85 15.54 3.92 -15.52
N ASP A 86 14.34 3.78 -16.04
CA ASP A 86 13.03 3.78 -15.42
C ASP A 86 12.78 2.30 -15.13
N CYS A 87 12.27 1.99 -13.94
CA CYS A 87 11.92 0.62 -13.50
C CYS A 87 11.02 -0.03 -14.51
N ASN A 88 10.06 0.72 -15.08
CA ASN A 88 9.16 0.13 -16.08
C ASN A 88 9.84 -0.21 -17.41
N GLU A 89 11.09 0.18 -17.59
CA GLU A 89 11.83 -0.21 -18.79
C GLU A 89 12.64 -1.51 -18.59
N VAL A 90 12.68 -2.09 -17.40
CA VAL A 90 13.53 -3.27 -17.19
C VAL A 90 12.67 -4.42 -16.67
N ALA A 91 12.97 -5.67 -17.04
CA ALA A 91 12.24 -6.84 -16.42
C ALA A 91 12.82 -7.25 -15.07
N SER A 92 14.06 -6.82 -14.83
CA SER A 92 14.79 -7.06 -13.58
C SER A 92 16.15 -6.35 -13.56
N LEU A 93 16.84 -6.43 -12.42
CA LEU A 93 18.13 -5.78 -12.22
C LEU A 93 19.00 -6.88 -11.66
N ASP A 94 20.31 -6.86 -11.89
CA ASP A 94 21.14 -7.94 -11.31
C ASP A 94 21.28 -7.69 -9.83
N ILE A 95 21.51 -6.44 -9.47
CA ILE A 95 21.84 -6.09 -8.09
C ILE A 95 21.18 -4.76 -7.66
N TYR A 96 20.99 -4.58 -6.38
CA TYR A 96 20.60 -3.30 -5.81
C TYR A 96 21.55 -3.08 -4.66
N VAL A 97 22.28 -1.98 -4.71
CA VAL A 97 23.26 -1.64 -3.68
C VAL A 97 22.75 -0.52 -2.78
N ASP A 98 22.48 -0.83 -1.54
CA ASP A 98 21.91 0.12 -0.63
C ASP A 98 22.37 -0.19 0.76
N GLY A 99 22.13 0.79 1.63
CA GLY A 99 22.37 0.70 3.06
C GLY A 99 21.12 0.22 3.76
N ALA A 100 21.11 0.30 5.09
CA ALA A 100 19.97 -0.07 5.89
C ALA A 100 20.08 0.68 7.19
N ASP A 101 18.98 0.81 7.91
CA ASP A 101 18.96 1.52 9.20
C ASP A 101 19.25 0.50 10.30
N GLU A 102 18.82 -0.76 10.08
CA GLU A 102 19.06 -1.90 11.01
C GLU A 102 19.10 -3.14 10.18
N ILE A 103 19.95 -4.08 10.56
CA ILE A 103 19.96 -5.41 9.94
C ILE A 103 20.18 -6.45 11.04
N ASN A 104 19.40 -7.54 10.98
CA ASN A 104 19.45 -8.59 11.99
C ASN A 104 20.29 -9.75 11.43
N ALA A 105 20.53 -10.78 12.27
CA ALA A 105 21.37 -11.90 11.92
C ALA A 105 20.80 -12.67 10.74
N ASP A 106 19.49 -12.60 10.57
CA ASP A 106 18.84 -13.26 9.45
C ASP A 106 18.72 -12.34 8.20
N ARG A 107 19.29 -11.12 8.29
CA ARG A 107 19.54 -10.24 7.12
C ARG A 107 18.24 -9.56 6.71
N GLU A 108 17.28 -9.57 7.63
CA GLU A 108 16.10 -8.75 7.61
C GLU A 108 16.43 -7.35 8.11
N MET A 109 15.81 -6.34 7.45
CA MET A 109 16.18 -4.89 7.62
C MET A 109 14.99 -4.01 7.98
N ILE A 110 15.28 -2.96 8.74
CA ILE A 110 14.47 -1.74 8.76
C ILE A 110 15.17 -0.78 7.79
N LYS A 111 14.37 -0.23 6.86
CA LYS A 111 14.83 0.78 5.94
C LYS A 111 13.72 1.87 5.72
N GLY A 112 14.12 3.03 5.17
CA GLY A 112 13.24 4.13 4.90
C GLY A 112 13.18 5.20 5.96
N GLY A 113 14.06 5.10 6.97
CA GLY A 113 14.08 6.17 8.00
C GLY A 113 14.61 7.49 7.43
N GLY A 114 15.52 7.43 6.49
CA GLY A 114 16.12 8.64 5.96
C GLY A 114 16.16 8.74 4.46
N ALA A 115 15.35 7.98 3.73
CA ALA A 115 15.26 8.18 2.25
C ALA A 115 13.97 7.61 1.76
N ALA A 116 13.82 7.47 0.44
CA ALA A 116 12.53 7.20 -0.16
C ALA A 116 12.07 5.72 0.01
N LEU A 117 11.35 5.48 1.08
CA LEU A 117 11.01 4.14 1.53
C LEU A 117 10.38 3.33 0.39
N THR A 118 9.37 3.88 -0.30
CA THR A 118 8.65 3.07 -1.29
C THR A 118 9.41 2.78 -2.55
N ARG A 119 10.21 3.71 -3.00
CA ARG A 119 11.08 3.52 -4.16
C ARG A 119 12.18 2.51 -3.86
N GLU A 120 12.74 2.56 -2.65
CA GLU A 120 13.75 1.56 -2.23
C GLU A 120 13.11 0.15 -2.25
N LYS A 121 11.89 0.00 -1.73
CA LYS A 121 11.31 -1.36 -1.60
C LYS A 121 11.00 -1.89 -2.99
N ILE A 122 10.64 -0.99 -3.91
CA ILE A 122 10.26 -1.40 -5.28
C ILE A 122 11.53 -1.77 -6.09
N VAL A 123 12.61 -0.96 -6.04
CA VAL A 123 13.85 -1.31 -6.79
C VAL A 123 14.50 -2.59 -6.21
N ALA A 124 14.46 -2.75 -4.89
CA ALA A 124 14.94 -4.00 -4.20
C ALA A 124 14.09 -5.21 -4.61
N ALA A 125 12.82 -4.95 -4.93
CA ALA A 125 11.97 -6.10 -5.33
C ALA A 125 12.28 -6.60 -6.73
N ILE A 126 12.62 -5.68 -7.64
CA ILE A 126 12.95 -5.98 -9.02
C ILE A 126 14.36 -6.57 -9.14
N ALA A 127 15.26 -6.19 -8.21
CA ALA A 127 16.64 -6.72 -8.14
C ALA A 127 16.83 -8.18 -7.66
N ASP A 128 17.63 -8.93 -8.41
CA ASP A 128 17.96 -10.36 -8.09
C ASP A 128 18.61 -10.46 -6.72
N LYS A 129 19.67 -9.64 -6.53
CA LYS A 129 20.50 -9.68 -5.31
C LYS A 129 20.60 -8.29 -4.65
N PHE A 130 20.36 -8.21 -3.34
CA PHE A 130 20.42 -6.97 -2.53
C PHE A 130 21.78 -7.01 -1.80
N ILE A 131 22.61 -6.01 -2.08
CA ILE A 131 23.93 -5.87 -1.46
C ILE A 131 23.89 -4.79 -0.36
N CYS A 132 23.82 -5.22 0.89
CA CYS A 132 23.64 -4.27 1.96
C CYS A 132 24.98 -3.79 2.47
N ILE A 133 25.07 -2.48 2.65
CA ILE A 133 26.35 -1.78 2.78
C ILE A 133 26.22 -0.88 4.02
N VAL A 134 26.91 -1.28 5.09
CA VAL A 134 26.67 -0.76 6.41
C VAL A 134 27.97 -0.39 7.17
N ASP A 135 27.88 0.49 8.18
CA ASP A 135 28.92 0.62 9.20
C ASP A 135 28.63 -0.32 10.39
N GLY A 136 29.48 -0.26 11.41
CA GLY A 136 29.30 -1.05 12.63
C GLY A 136 28.02 -0.86 13.43
N THR A 137 27.26 0.21 13.15
CA THR A 137 26.11 0.58 14.00
C THR A 137 24.78 -0.10 13.53
N LYS A 138 24.76 -0.65 12.32
CA LYS A 138 23.48 -1.20 11.78
C LYS A 138 23.04 -2.62 12.27
N ALA A 139 24.01 -3.49 12.50
CA ALA A 139 23.71 -4.87 12.96
C ALA A 139 23.04 -4.87 14.33
N VAL A 140 21.89 -5.53 14.47
CA VAL A 140 21.14 -5.58 15.75
C VAL A 140 20.73 -7.04 16.16
N ASP A 141 20.28 -7.21 17.40
CA ASP A 141 19.75 -8.50 17.86
C ASP A 141 18.36 -8.69 17.27
N VAL A 142 17.56 -7.71 17.66
CA VAL A 142 16.16 -7.65 17.36
C VAL A 142 15.90 -6.27 16.74
N LEU A 143 15.47 -6.30 15.48
CA LEU A 143 14.92 -5.12 14.82
C LEU A 143 13.96 -4.31 15.69
N GLY A 144 14.11 -3.00 15.72
CA GLY A 144 13.02 -2.19 16.32
C GLY A 144 13.38 -1.01 17.18
N THR A 145 14.65 -0.92 17.59
CA THR A 145 15.12 0.25 18.34
C THR A 145 14.98 1.52 17.49
N PHE A 146 15.60 1.51 16.31
CA PHE A 146 15.32 2.45 15.20
C PHE A 146 13.84 2.40 14.82
N PRO A 147 13.15 3.57 14.85
CA PRO A 147 11.71 3.56 14.57
C PRO A 147 11.43 3.00 13.15
N LEU A 148 10.39 2.18 13.07
CA LEU A 148 9.95 1.56 11.81
C LEU A 148 9.11 2.59 11.04
N PRO A 149 9.61 3.01 9.86
CA PRO A 149 8.83 3.92 9.01
C PRO A 149 7.67 3.20 8.30
N VAL A 150 6.53 3.86 8.28
CA VAL A 150 5.33 3.38 7.58
C VAL A 150 4.69 4.54 6.78
N GLU A 151 4.64 4.41 5.46
CA GLU A 151 4.01 5.42 4.64
C GLU A 151 2.51 5.13 4.59
N VAL A 152 1.72 6.20 4.73
CA VAL A 152 0.29 6.09 4.98
C VAL A 152 -0.45 7.12 4.10
N ILE A 153 -1.56 6.71 3.52
CA ILE A 153 -2.44 7.61 2.82
C ILE A 153 -2.90 8.62 3.89
N PRO A 154 -2.88 9.96 3.63
CA PRO A 154 -3.17 10.97 4.65
C PRO A 154 -4.56 10.87 5.36
N MET A 155 -5.62 10.59 4.58
CA MET A 155 -6.95 10.38 5.22
C MET A 155 -7.02 9.18 6.21
N ALA A 156 -6.07 8.25 6.07
CA ALA A 156 -6.00 7.10 6.99
C ALA A 156 -5.07 7.25 8.22
N ARG A 157 -4.41 8.38 8.39
CA ARG A 157 -3.26 8.44 9.32
C ARG A 157 -3.66 8.13 10.79
N SER A 158 -4.74 8.74 11.28
CA SER A 158 -5.22 8.43 12.62
C SER A 158 -5.68 6.96 12.75
N TYR A 159 -6.34 6.42 11.72
CA TYR A 159 -6.71 4.98 11.67
C TYR A 159 -5.50 4.03 11.75
N VAL A 160 -4.48 4.24 10.89
CA VAL A 160 -3.33 3.35 10.84
C VAL A 160 -2.60 3.40 12.19
N ALA A 161 -2.55 4.62 12.73
CA ALA A 161 -1.86 4.87 13.98
C ALA A 161 -2.57 4.05 15.08
N ARG A 162 -3.92 4.08 15.15
CA ARG A 162 -4.65 3.22 16.14
C ARG A 162 -4.31 1.75 16.01
N GLN A 163 -4.23 1.28 14.76
CA GLN A 163 -3.79 -0.08 14.48
C GLN A 163 -2.38 -0.46 14.87
N LEU A 164 -1.42 0.45 14.68
CA LEU A 164 -0.05 0.22 15.16
C LEU A 164 0.05 0.14 16.68
N VAL A 165 -0.79 0.91 17.36
CA VAL A 165 -0.82 0.87 18.80
C VAL A 165 -1.28 -0.51 19.26
N LYS A 166 -2.31 -1.05 18.61
CA LYS A 166 -2.77 -2.42 18.92
C LYS A 166 -1.68 -3.48 18.73
N LEU A 167 -0.80 -3.26 17.76
CA LEU A 167 0.31 -4.12 17.52
C LEU A 167 1.47 -3.87 18.48
N GLY A 168 1.32 -2.92 19.40
CA GLY A 168 2.37 -2.65 20.40
C GLY A 168 3.49 -1.70 19.98
N GLY A 169 3.17 -0.88 18.98
CA GLY A 169 4.04 0.25 18.59
C GLY A 169 3.61 1.56 19.16
N ASP A 170 4.50 2.55 19.01
CA ASP A 170 4.22 3.95 19.40
C ASP A 170 4.51 4.80 18.16
N PRO A 171 3.49 4.99 17.28
CA PRO A 171 3.57 5.67 15.97
C PRO A 171 3.73 7.17 16.17
N CYS A 172 4.70 7.80 15.52
CA CYS A 172 4.84 9.25 15.61
C CYS A 172 4.84 9.78 14.21
N TYR A 173 3.86 10.63 13.93
CA TYR A 173 3.75 11.32 12.64
C TYR A 173 4.95 12.25 12.41
N ARG A 174 5.59 12.11 11.27
CA ARG A 174 6.65 12.98 10.83
C ARG A 174 6.03 14.26 10.27
N GLU A 175 5.83 15.28 11.11
CA GLU A 175 5.10 16.46 10.71
C GLU A 175 5.96 17.37 9.79
N GLY A 176 5.30 18.15 8.96
CA GLY A 176 5.92 19.19 8.13
C GLY A 176 6.48 18.70 6.81
N VAL A 177 6.31 17.41 6.55
CA VAL A 177 6.81 16.86 5.31
C VAL A 177 5.82 15.77 4.80
N ILE A 178 5.91 15.51 3.51
CA ILE A 178 5.16 14.44 2.84
C ILE A 178 6.16 13.68 1.90
N THR A 179 5.78 12.52 1.40
CA THR A 179 6.58 11.79 0.39
C THR A 179 6.35 12.45 -1.00
N ASP A 180 7.09 12.07 -2.06
CA ASP A 180 6.78 12.67 -3.38
C ASP A 180 5.31 12.53 -3.77
N ASN A 181 4.75 11.35 -3.47
CA ASN A 181 3.34 10.95 -3.66
C ASN A 181 2.31 11.81 -2.90
N GLY A 182 2.77 12.48 -1.84
CA GLY A 182 1.92 13.27 -0.97
C GLY A 182 1.43 12.53 0.26
N ASN A 183 1.94 11.34 0.53
CA ASN A 183 1.59 10.59 1.75
C ASN A 183 2.36 11.04 3.00
N VAL A 184 1.85 10.67 4.16
CA VAL A 184 2.61 11.01 5.37
C VAL A 184 3.39 9.83 5.90
N ILE A 185 4.32 10.11 6.85
CA ILE A 185 5.11 9.04 7.40
C ILE A 185 4.81 8.97 8.85
N LEU A 186 4.70 7.74 9.34
CA LEU A 186 4.58 7.46 10.78
C LEU A 186 5.86 6.69 11.11
N ASP A 187 6.55 7.12 12.15
CA ASP A 187 7.71 6.39 12.64
C ASP A 187 7.30 5.67 13.89
N VAL A 188 7.46 4.37 13.89
CA VAL A 188 6.84 3.56 14.97
C VAL A 188 7.88 3.14 15.99
N TYR A 189 7.76 3.71 17.19
CA TYR A 189 8.74 3.42 18.26
C TYR A 189 8.31 2.28 19.21
N GLY A 190 9.28 1.59 19.80
CA GLY A 190 8.99 0.75 20.97
C GLY A 190 8.71 -0.71 20.72
N MET A 191 8.93 -1.16 19.49
CA MET A 191 8.57 -2.50 19.12
C MET A 191 9.77 -3.43 19.20
N LYS A 192 9.56 -4.65 19.68
CA LYS A 192 10.62 -5.65 19.74
C LYS A 192 10.22 -6.57 18.61
N ILE A 193 10.91 -6.43 17.48
CA ILE A 193 10.40 -7.07 16.27
C ILE A 193 11.00 -8.42 16.11
N THR A 194 10.52 -9.28 16.97
CA THR A 194 10.69 -10.68 16.77
C THR A 194 9.47 -10.93 15.84
N ASN A 195 9.71 -11.83 14.89
CA ASN A 195 8.78 -12.12 13.78
C ASN A 195 8.57 -10.92 12.81
N PRO A 196 9.67 -10.47 12.22
CA PRO A 196 9.63 -9.40 11.19
C PRO A 196 8.75 -9.76 9.99
N LYS A 197 8.75 -11.02 9.57
CA LYS A 197 7.99 -11.42 8.39
C LYS A 197 6.52 -11.28 8.77
N GLN A 198 6.18 -11.69 9.98
CA GLN A 198 4.80 -11.61 10.45
C GLN A 198 4.30 -10.17 10.64
N LEU A 199 5.14 -9.34 11.26
CA LEU A 199 4.81 -7.93 11.40
C LEU A 199 4.69 -7.25 9.99
N GLU A 200 5.55 -7.59 9.05
CA GLU A 200 5.46 -7.06 7.68
C GLU A 200 4.06 -7.41 7.13
N ASP A 201 3.70 -8.71 7.22
CA ASP A 201 2.33 -9.14 6.88
C ASP A 201 1.22 -8.28 7.51
N GLN A 202 1.24 -8.18 8.85
CA GLN A 202 0.27 -7.46 9.62
C GLN A 202 0.07 -6.02 9.21
N ILE A 203 1.18 -5.30 9.05
CA ILE A 203 1.08 -3.84 8.68
C ILE A 203 0.69 -3.71 7.21
N ASN A 204 1.22 -4.55 6.34
CA ASN A 204 0.80 -4.53 4.91
C ASN A 204 -0.71 -4.81 4.79
N ALA A 205 -1.30 -5.48 5.79
CA ALA A 205 -2.74 -5.68 5.76
C ALA A 205 -3.63 -4.55 6.20
N ILE A 206 -3.08 -3.43 6.69
CA ILE A 206 -3.92 -2.35 7.29
C ILE A 206 -4.30 -1.41 6.16
N PRO A 207 -5.62 -1.23 5.94
CA PRO A 207 -6.04 -0.31 4.88
C PRO A 207 -5.52 1.12 5.12
N GLY A 208 -4.99 1.76 4.08
CA GLY A 208 -4.39 3.10 4.28
C GLY A 208 -2.87 3.05 4.35
N VAL A 209 -2.30 1.86 4.65
CA VAL A 209 -0.83 1.70 4.59
C VAL A 209 -0.43 1.58 3.15
N VAL A 210 0.59 2.34 2.74
CA VAL A 210 1.25 2.28 1.42
C VAL A 210 2.42 1.35 1.42
N THR A 211 3.44 1.71 2.20
CA THR A 211 4.58 0.79 2.39
C THR A 211 5.13 0.74 3.84
N VAL A 212 5.68 -0.41 4.21
CA VAL A 212 6.25 -0.61 5.56
C VAL A 212 7.73 -0.90 5.40
N GLY A 213 8.53 -0.15 6.16
CA GLY A 213 9.98 -0.24 6.15
C GLY A 213 10.57 -1.49 6.74
N LEU A 214 9.83 -2.61 6.71
CA LEU A 214 10.40 -3.93 7.05
C LEU A 214 10.74 -4.61 5.77
N PHE A 215 12.01 -4.79 5.48
CA PHE A 215 12.42 -5.63 4.35
C PHE A 215 12.76 -7.02 4.92
N ALA A 216 11.70 -7.79 5.21
CA ALA A 216 11.81 -9.12 5.88
C ALA A 216 11.53 -10.31 4.96
N HIS A 217 10.52 -10.24 4.10
CA HIS A 217 10.36 -11.30 3.12
C HIS A 217 11.40 -11.20 2.05
N ARG A 218 11.89 -10.01 1.76
CA ARG A 218 13.02 -9.93 0.81
C ARG A 218 14.02 -9.08 1.59
N GLY A 219 15.15 -9.67 2.04
CA GLY A 219 16.15 -8.91 2.78
C GLY A 219 17.49 -8.77 2.02
N ALA A 220 18.59 -8.61 2.75
CA ALA A 220 19.91 -8.47 2.14
C ALA A 220 20.45 -9.85 1.66
N ASP A 221 21.09 -9.87 0.49
CA ASP A 221 21.65 -11.14 -0.02
C ASP A 221 23.13 -11.27 0.31
N VAL A 222 23.87 -10.16 0.12
CA VAL A 222 25.24 -9.93 0.65
C VAL A 222 25.22 -8.75 1.65
N VAL A 223 25.85 -8.92 2.81
CA VAL A 223 26.16 -7.81 3.73
C VAL A 223 27.67 -7.51 3.73
N ILE A 224 28.00 -6.22 3.53
CA ILE A 224 29.39 -5.73 3.55
C ILE A 224 29.44 -4.67 4.64
N THR A 225 30.18 -4.96 5.71
CA THR A 225 30.23 -4.09 6.89
C THR A 225 31.59 -3.43 6.94
N GLY A 226 31.61 -2.11 6.97
CA GLY A 226 32.86 -1.37 7.11
C GLY A 226 33.48 -1.60 8.47
N THR A 227 34.70 -2.15 8.48
CA THR A 227 35.52 -2.24 9.70
C THR A 227 36.74 -1.33 9.59
N PRO A 228 37.45 -1.08 10.73
CA PRO A 228 38.70 -0.30 10.64
C PRO A 228 39.77 -0.80 9.61
N GLU A 229 39.93 -2.12 9.44
CA GLU A 229 40.93 -2.66 8.47
C GLU A 229 40.44 -2.89 7.01
N GLY A 230 39.35 -2.22 6.62
CA GLY A 230 38.98 -2.15 5.19
C GLY A 230 37.70 -2.78 4.62
N ALA A 231 36.82 -3.32 5.50
CA ALA A 231 35.45 -3.84 5.16
C ALA A 231 35.29 -5.35 5.09
N LYS A 232 34.21 -5.81 5.72
CA LYS A 232 33.95 -7.23 6.06
C LYS A 232 32.83 -7.86 5.22
N ILE A 233 33.19 -8.53 4.13
CA ILE A 233 32.18 -9.13 3.25
C ILE A 233 31.65 -10.44 3.82
N GLU A 234 30.68 -10.29 4.74
CA GLU A 234 30.03 -11.37 5.50
C GLU A 234 28.68 -11.66 4.90
N GLU A 235 28.65 -12.05 3.63
CA GLU A 235 27.41 -12.13 2.85
C GLU A 235 26.23 -12.99 3.44
N THR B 19 -30.30 -5.52 -14.40
CA THR B 19 -30.39 -4.81 -13.09
C THR B 19 -31.63 -3.87 -13.00
N GLN B 20 -32.35 -3.90 -11.89
CA GLN B 20 -33.52 -3.00 -11.84
C GLN B 20 -33.33 -1.92 -10.77
N ASP B 21 -33.60 -0.68 -11.18
CA ASP B 21 -33.45 0.47 -10.29
C ASP B 21 -34.39 0.42 -9.07
N GLU B 22 -35.54 -0.26 -9.20
CA GLU B 22 -36.51 -0.38 -8.12
C GLU B 22 -36.02 -1.36 -7.09
N MET B 23 -35.28 -2.38 -7.53
CA MET B 23 -34.61 -3.27 -6.61
C MET B 23 -33.42 -2.59 -5.92
N LYS B 24 -32.63 -1.81 -6.67
CA LYS B 24 -31.59 -0.92 -6.08
C LYS B 24 -32.25 -0.02 -5.05
N LYS B 25 -33.40 0.54 -5.44
CA LYS B 25 -34.11 1.50 -4.56
C LYS B 25 -34.57 0.78 -3.33
N ALA B 26 -35.22 -0.37 -3.47
CA ALA B 26 -35.62 -1.11 -2.25
C ALA B 26 -34.42 -1.35 -1.28
N ALA B 27 -33.32 -1.89 -1.80
CA ALA B 27 -32.15 -2.17 -1.00
C ALA B 27 -31.61 -0.93 -0.31
N GLY B 28 -31.46 0.19 -1.00
CA GLY B 28 -30.91 1.36 -0.35
C GLY B 28 -31.78 1.92 0.79
N TRP B 29 -33.11 1.94 0.58
CA TRP B 29 -34.02 2.38 1.65
C TRP B 29 -33.99 1.47 2.91
N ALA B 30 -33.81 0.16 2.71
CA ALA B 30 -33.88 -0.83 3.78
C ALA B 30 -32.76 -0.64 4.76
N ALA B 31 -31.64 -0.13 4.25
CA ALA B 31 -30.42 0.15 5.03
C ALA B 31 -30.66 1.23 6.07
N LEU B 32 -31.67 2.06 5.84
CA LEU B 32 -31.96 3.17 6.72
C LEU B 32 -32.32 2.75 8.20
N LYS B 33 -33.00 1.61 8.34
CA LYS B 33 -33.21 0.93 9.63
C LYS B 33 -31.94 0.81 10.46
N TYR B 34 -30.78 0.79 9.82
CA TYR B 34 -29.50 0.61 10.56
C TYR B 34 -28.89 1.92 11.04
N VAL B 35 -29.57 3.03 10.77
CA VAL B 35 -29.02 4.32 11.14
C VAL B 35 -29.48 4.80 12.53
N GLU B 36 -28.56 4.78 13.49
CA GLU B 36 -28.80 5.26 14.83
C GLU B 36 -28.84 6.77 14.89
N LYS B 37 -29.83 7.28 15.65
CA LYS B 37 -30.01 8.71 15.85
C LYS B 37 -28.76 9.26 16.54
N GLY B 38 -28.39 10.48 16.21
CA GLY B 38 -27.15 11.09 16.74
C GLY B 38 -25.83 10.50 16.22
N SER B 39 -25.86 9.67 15.17
CA SER B 39 -24.60 9.09 14.63
C SER B 39 -24.00 9.85 13.40
N ILE B 40 -22.72 9.57 13.10
CA ILE B 40 -22.07 10.09 11.88
C ILE B 40 -22.03 8.86 11.04
N VAL B 41 -22.57 8.94 9.82
CA VAL B 41 -22.87 7.78 8.94
C VAL B 41 -21.76 7.64 7.89
N GLY B 42 -21.19 6.45 7.79
CA GLY B 42 -20.26 6.16 6.68
C GLY B 42 -21.06 5.88 5.42
N VAL B 43 -20.75 6.59 4.33
CA VAL B 43 -21.58 6.48 3.14
C VAL B 43 -20.71 6.19 1.92
N GLY B 44 -21.14 5.22 1.11
CA GLY B 44 -20.36 4.79 -0.08
C GLY B 44 -20.72 5.53 -1.34
N THR B 45 -20.63 4.88 -2.50
CA THR B 45 -21.04 5.48 -3.76
C THR B 45 -21.83 4.52 -4.62
N GLY B 46 -22.52 5.06 -5.61
CA GLY B 46 -23.17 4.32 -6.65
C GLY B 46 -24.66 4.61 -6.65
N SER B 47 -25.36 4.05 -7.62
CA SER B 47 -26.82 4.24 -7.78
C SER B 47 -27.61 3.66 -6.62
N THR B 48 -27.11 2.53 -6.10
CA THR B 48 -27.84 1.90 -5.00
C THR B 48 -27.73 2.78 -3.78
N VAL B 49 -26.52 3.30 -3.52
CA VAL B 49 -26.24 4.20 -2.40
C VAL B 49 -26.96 5.54 -2.55
N ASN B 50 -27.12 6.02 -3.78
CA ASN B 50 -27.92 7.23 -4.01
C ASN B 50 -29.35 7.09 -3.44
N HIS B 51 -29.94 5.91 -3.57
CA HIS B 51 -31.25 5.68 -2.91
C HIS B 51 -31.12 5.75 -1.40
N PHE B 52 -30.11 5.11 -0.81
CA PHE B 52 -29.82 5.27 0.62
C PHE B 52 -29.65 6.73 1.07
N ILE B 53 -29.02 7.54 0.24
CA ILE B 53 -28.82 8.93 0.56
C ILE B 53 -30.18 9.66 0.59
N ASP B 54 -31.06 9.27 -0.32
CA ASP B 54 -32.43 9.77 -0.34
C ASP B 54 -33.10 9.45 1.00
N ALA B 55 -33.00 8.20 1.39
CA ALA B 55 -33.48 7.72 2.68
C ALA B 55 -32.94 8.54 3.87
N LEU B 56 -31.62 8.71 3.90
CA LEU B 56 -30.93 9.51 4.91
C LEU B 56 -31.42 10.97 4.96
N GLY B 57 -31.83 11.50 3.80
CA GLY B 57 -32.48 12.81 3.74
C GLY B 57 -33.69 12.88 4.68
N THR B 58 -34.41 11.76 4.80
CA THR B 58 -35.65 11.67 5.60
C THR B 58 -35.44 11.62 7.12
N MET B 59 -34.20 11.84 7.55
CA MET B 59 -33.82 11.62 8.92
C MET B 59 -32.63 12.54 9.27
N SER B 60 -32.39 13.55 8.41
CA SER B 60 -31.17 14.36 8.48
C SER B 60 -30.98 15.21 9.74
N GLU B 61 -32.11 15.68 10.27
CA GLU B 61 -32.18 16.46 11.50
C GLU B 61 -32.56 15.37 12.47
N GLU B 62 -31.54 14.59 12.83
CA GLU B 62 -31.60 13.35 13.64
C GLU B 62 -30.23 12.63 13.59
N ILE B 63 -29.33 13.06 12.69
CA ILE B 63 -27.95 12.55 12.58
C ILE B 63 -26.93 13.71 12.68
N LYS B 64 -25.79 13.45 13.33
CA LYS B 64 -24.71 14.45 13.48
C LYS B 64 -24.02 14.76 12.13
N GLY B 65 -23.98 13.77 11.23
CA GLY B 65 -23.22 13.93 10.01
C GLY B 65 -22.96 12.64 9.27
N ALA B 66 -22.01 12.71 8.35
CA ALA B 66 -21.64 11.64 7.41
C ALA B 66 -20.15 11.72 7.00
N VAL B 67 -19.56 10.55 6.75
CA VAL B 67 -18.23 10.42 6.23
C VAL B 67 -18.44 9.70 4.90
N SER B 68 -17.93 10.30 3.81
CA SER B 68 -18.19 9.78 2.49
C SER B 68 -16.93 9.35 1.78
N SER B 69 -17.06 8.37 0.90
CA SER B 69 -15.94 7.86 0.13
C SER B 69 -16.00 8.34 -1.34
N SER B 70 -16.93 9.26 -1.60
CA SER B 70 -17.23 9.64 -2.95
C SER B 70 -17.50 11.12 -3.00
N VAL B 71 -16.80 11.80 -3.93
CA VAL B 71 -17.09 13.19 -4.32
C VAL B 71 -18.58 13.41 -4.59
N ALA B 72 -19.19 12.50 -5.36
CA ALA B 72 -20.60 12.77 -5.70
C ALA B 72 -21.54 12.57 -4.52
N SER B 73 -21.22 11.59 -3.66
CA SER B 73 -21.99 11.36 -2.45
C SER B 73 -21.90 12.54 -1.45
N THR B 74 -20.72 13.15 -1.35
CA THR B 74 -20.51 14.35 -0.51
C THR B 74 -21.41 15.53 -0.97
N GLU B 75 -21.46 15.74 -2.29
CA GLU B 75 -22.30 16.76 -2.88
C GLU B 75 -23.75 16.56 -2.48
N LYS B 76 -24.25 15.32 -2.60
CA LYS B 76 -25.63 14.97 -2.31
C LYS B 76 -25.97 15.14 -0.82
N LEU B 77 -25.10 14.64 0.05
CA LEU B 77 -25.25 14.82 1.48
C LEU B 77 -25.22 16.32 1.91
N GLU B 78 -24.34 17.10 1.28
CA GLU B 78 -24.32 18.58 1.47
C GLU B 78 -25.65 19.22 0.99
N ALA B 79 -26.19 18.79 -0.13
CA ALA B 79 -27.50 19.29 -0.60
C ALA B 79 -28.58 19.17 0.47
N LEU B 80 -28.52 18.10 1.25
CA LEU B 80 -29.46 17.77 2.33
C LEU B 80 -29.12 18.44 3.66
N GLY B 81 -28.05 19.22 3.67
CA GLY B 81 -27.52 19.91 4.86
C GLY B 81 -26.87 19.00 5.88
N ILE B 82 -26.46 17.79 5.45
CA ILE B 82 -25.81 16.85 6.37
C ILE B 82 -24.30 17.22 6.54
N LYS B 83 -23.82 17.34 7.77
CA LYS B 83 -22.43 17.78 7.93
C LYS B 83 -21.47 16.71 7.40
N ILE B 84 -20.36 17.15 6.82
CA ILE B 84 -19.38 16.21 6.35
C ILE B 84 -18.19 16.16 7.30
N PHE B 85 -17.85 14.96 7.77
CA PHE B 85 -16.61 14.77 8.50
C PHE B 85 -15.58 14.00 7.64
N ASP B 86 -14.30 14.25 7.94
CA ASP B 86 -13.20 13.45 7.41
C ASP B 86 -12.87 12.33 8.42
N CYS B 87 -12.18 11.31 7.92
CA CYS B 87 -11.75 10.13 8.66
C CYS B 87 -10.83 10.42 9.85
N ASN B 88 -9.96 11.42 9.71
CA ASN B 88 -9.13 11.87 10.83
C ASN B 88 -9.90 12.64 11.92
N GLU B 89 -11.20 12.87 11.72
CA GLU B 89 -11.99 13.66 12.68
C GLU B 89 -12.83 12.77 13.58
N VAL B 90 -12.85 11.48 13.27
CA VAL B 90 -13.66 10.47 13.97
C VAL B 90 -12.68 9.35 14.38
N ALA B 91 -13.01 8.59 15.44
CA ALA B 91 -12.21 7.43 15.86
C ALA B 91 -12.83 6.12 15.45
N SER B 92 -14.10 6.15 15.05
CA SER B 92 -14.81 4.96 14.61
C SER B 92 -15.99 5.48 13.87
N LEU B 93 -16.65 4.57 13.17
CA LEU B 93 -17.96 4.87 12.59
C LEU B 93 -18.82 3.69 13.00
N ASP B 94 -20.11 3.90 13.24
CA ASP B 94 -21.01 2.76 13.60
C ASP B 94 -21.25 1.87 12.38
N ILE B 95 -21.62 2.50 11.26
CA ILE B 95 -21.89 1.78 9.99
C ILE B 95 -21.18 2.42 8.77
N TYR B 96 -20.93 1.62 7.76
CA TYR B 96 -20.61 2.13 6.43
C TYR B 96 -21.52 1.44 5.48
N VAL B 97 -22.21 2.25 4.68
CA VAL B 97 -23.20 1.75 3.73
C VAL B 97 -22.76 1.94 2.31
N ASP B 98 -22.62 0.82 1.59
CA ASP B 98 -21.99 0.89 0.23
C ASP B 98 -22.47 -0.28 -0.64
N GLY B 99 -22.31 -0.16 -1.96
CA GLY B 99 -22.57 -1.27 -2.87
C GLY B 99 -21.31 -2.13 -3.01
N ALA B 100 -21.28 -2.99 -4.00
CA ALA B 100 -20.09 -3.85 -4.29
C ALA B 100 -20.20 -4.18 -5.73
N ASP B 101 -19.06 -4.53 -6.35
CA ASP B 101 -18.97 -5.03 -7.73
C ASP B 101 -19.35 -6.48 -7.77
N GLU B 102 -18.81 -7.27 -6.84
CA GLU B 102 -19.18 -8.70 -6.69
C GLU B 102 -19.21 -9.01 -5.22
N ILE B 103 -20.07 -9.95 -4.80
CA ILE B 103 -20.09 -10.42 -3.37
C ILE B 103 -20.26 -11.96 -3.38
N ASN B 104 -19.39 -12.71 -2.70
CA ASN B 104 -19.55 -14.21 -2.61
C ASN B 104 -20.44 -14.54 -1.43
N ALA B 105 -20.73 -15.82 -1.14
CA ALA B 105 -21.72 -16.20 -0.12
C ALA B 105 -21.17 -15.98 1.30
N ASP B 106 -19.83 -15.88 1.35
CA ASP B 106 -19.09 -15.52 2.56
C ASP B 106 -18.99 -14.05 2.82
N ARG B 107 -19.59 -13.24 1.95
CA ARG B 107 -19.73 -11.80 2.15
C ARG B 107 -18.46 -11.04 1.87
N GLU B 108 -17.54 -11.70 1.15
CA GLU B 108 -16.31 -11.12 0.67
C GLU B 108 -16.61 -10.46 -0.64
N MET B 109 -16.06 -9.25 -0.85
CA MET B 109 -16.40 -8.42 -2.00
C MET B 109 -15.20 -8.05 -2.89
N ILE B 110 -15.49 -7.87 -4.20
CA ILE B 110 -14.61 -7.07 -5.05
C ILE B 110 -15.27 -5.69 -5.11
N LYS B 111 -14.43 -4.72 -4.84
CA LYS B 111 -14.88 -3.31 -4.83
C LYS B 111 -13.83 -2.42 -5.52
N GLY B 112 -14.20 -1.18 -5.80
CA GLY B 112 -13.22 -0.26 -6.43
C GLY B 112 -13.25 -0.23 -7.93
N GLY B 113 -14.13 -0.98 -8.59
CA GLY B 113 -14.08 -1.03 -10.05
C GLY B 113 -14.42 0.32 -10.70
N GLY B 114 -15.36 1.07 -10.11
CA GLY B 114 -15.71 2.37 -10.68
C GLY B 114 -15.95 3.33 -9.52
N ALA B 115 -15.17 3.21 -8.45
CA ALA B 115 -15.21 4.23 -7.37
C ALA B 115 -13.84 4.33 -6.72
N ALA B 116 -13.71 5.15 -5.66
CA ALA B 116 -12.41 5.51 -5.13
C ALA B 116 -11.98 4.37 -4.23
N LEU B 117 -11.20 3.44 -4.73
CA LEU B 117 -10.90 2.18 -4.09
C LEU B 117 -10.25 2.34 -2.70
N THR B 118 -9.22 3.21 -2.65
CA THR B 118 -8.51 3.38 -1.41
C THR B 118 -9.35 4.08 -0.36
N ARG B 119 -10.04 5.17 -0.76
CA ARG B 119 -11.05 5.81 0.12
C ARG B 119 -12.02 4.77 0.74
N GLU B 120 -12.64 3.94 -0.10
CA GLU B 120 -13.65 2.99 0.38
C GLU B 120 -13.10 1.96 1.36
N LYS B 121 -11.91 1.43 1.02
CA LYS B 121 -11.33 0.40 1.91
C LYS B 121 -10.95 1.00 3.29
N ILE B 122 -10.52 2.27 3.34
CA ILE B 122 -10.16 2.97 4.64
C ILE B 122 -11.45 3.34 5.39
N VAL B 123 -12.50 3.85 4.69
CA VAL B 123 -13.74 4.19 5.43
C VAL B 123 -14.36 2.87 5.98
N ALA B 124 -14.32 1.82 5.18
CA ALA B 124 -14.83 0.51 5.68
C ALA B 124 -14.01 -0.07 6.84
N ALA B 125 -12.71 0.17 6.83
CA ALA B 125 -11.83 -0.25 7.93
C ALA B 125 -12.16 0.47 9.23
N ILE B 126 -12.64 1.71 9.14
CA ILE B 126 -12.99 2.51 10.30
C ILE B 126 -14.41 2.13 10.82
N ALA B 127 -15.30 1.67 9.94
CA ALA B 127 -16.70 1.48 10.35
C ALA B 127 -16.82 0.14 11.06
N ASP B 128 -17.75 0.06 12.02
CA ASP B 128 -17.93 -1.16 12.85
C ASP B 128 -18.59 -2.24 12.00
N LYS B 129 -19.71 -1.81 11.37
CA LYS B 129 -20.67 -2.61 10.61
C LYS B 129 -20.67 -2.16 9.13
N PHE B 130 -20.31 -3.07 8.22
CA PHE B 130 -20.43 -2.83 6.76
C PHE B 130 -21.79 -3.32 6.23
N ILE B 131 -22.66 -2.41 5.80
CA ILE B 131 -23.93 -2.78 5.16
C ILE B 131 -23.74 -2.68 3.66
N CYS B 132 -23.73 -3.85 3.00
CA CYS B 132 -23.62 -3.92 1.57
C CYS B 132 -25.03 -3.93 0.98
N ILE B 133 -25.33 -2.93 0.14
CA ILE B 133 -26.64 -2.83 -0.51
C ILE B 133 -26.47 -3.13 -1.98
N VAL B 134 -27.24 -4.13 -2.43
CA VAL B 134 -27.03 -4.64 -3.80
C VAL B 134 -28.38 -4.96 -4.47
N ASP B 135 -28.41 -4.93 -5.81
CA ASP B 135 -29.49 -5.61 -6.57
C ASP B 135 -29.12 -7.09 -6.72
N GLY B 136 -29.91 -7.86 -7.46
CA GLY B 136 -29.57 -9.24 -7.78
C GLY B 136 -28.36 -9.60 -8.62
N THR B 137 -27.71 -8.62 -9.22
CA THR B 137 -26.60 -8.92 -10.17
C THR B 137 -25.18 -9.00 -9.50
N LYS B 138 -25.12 -8.77 -8.21
CA LYS B 138 -23.78 -8.66 -7.54
C LYS B 138 -23.26 -9.98 -6.96
N ALA B 139 -24.18 -10.84 -6.48
CA ALA B 139 -23.80 -12.21 -6.03
C ALA B 139 -23.17 -13.11 -7.06
N VAL B 140 -22.08 -13.76 -6.68
CA VAL B 140 -21.37 -14.60 -7.58
C VAL B 140 -20.98 -15.82 -6.76
N ASP B 141 -20.70 -16.94 -7.43
CA ASP B 141 -20.29 -18.17 -6.72
C ASP B 141 -18.84 -18.07 -6.28
N VAL B 142 -18.03 -17.51 -7.14
CA VAL B 142 -16.60 -17.36 -6.92
C VAL B 142 -16.17 -15.99 -7.46
N LEU B 143 -15.38 -15.23 -6.69
CA LEU B 143 -14.92 -13.88 -7.15
C LEU B 143 -13.95 -14.00 -8.27
N GLY B 144 -13.94 -12.98 -9.13
CA GLY B 144 -12.96 -12.91 -10.16
C GLY B 144 -13.41 -12.64 -11.58
N THR B 145 -14.66 -12.99 -11.94
CA THR B 145 -15.14 -12.64 -13.31
C THR B 145 -14.99 -11.12 -13.57
N PHE B 146 -15.58 -10.32 -12.68
CA PHE B 146 -15.41 -8.86 -12.60
C PHE B 146 -13.96 -8.59 -12.25
N PRO B 147 -13.24 -7.78 -13.07
CA PRO B 147 -11.81 -7.62 -12.83
C PRO B 147 -11.48 -6.97 -11.44
N LEU B 148 -10.43 -7.50 -10.82
CA LEU B 148 -9.98 -7.05 -9.53
C LEU B 148 -9.07 -5.83 -9.75
N PRO B 149 -9.45 -4.67 -9.19
CA PRO B 149 -8.67 -3.41 -9.28
C PRO B 149 -7.55 -3.46 -8.23
N VAL B 150 -6.37 -3.11 -8.66
CA VAL B 150 -5.22 -2.95 -7.81
C VAL B 150 -4.61 -1.58 -8.12
N GLU B 151 -4.55 -0.75 -7.11
CA GLU B 151 -3.88 0.54 -7.20
C GLU B 151 -2.39 0.37 -6.94
N VAL B 152 -1.56 1.02 -7.76
CA VAL B 152 -0.17 0.71 -7.80
C VAL B 152 0.66 2.02 -7.94
N ILE B 153 1.80 2.08 -7.26
CA ILE B 153 2.79 3.14 -7.41
C ILE B 153 3.28 3.14 -8.86
N PRO B 154 3.25 4.32 -9.55
CA PRO B 154 3.52 4.28 -11.00
C PRO B 154 4.83 3.60 -11.45
N MET B 155 5.94 3.91 -10.79
CA MET B 155 7.22 3.21 -11.06
C MET B 155 7.21 1.71 -10.80
N ALA B 156 6.16 1.21 -10.14
CA ALA B 156 6.07 -0.24 -9.86
C ALA B 156 5.14 -0.98 -10.79
N ARG B 157 4.49 -0.27 -11.69
CA ARG B 157 3.45 -0.87 -12.54
C ARG B 157 3.84 -2.20 -13.24
N SER B 158 4.92 -2.24 -14.01
CA SER B 158 5.30 -3.48 -14.75
C SER B 158 5.64 -4.60 -13.80
N TYR B 159 6.39 -4.25 -12.74
CA TYR B 159 6.71 -5.21 -11.67
C TYR B 159 5.51 -5.88 -11.03
N VAL B 160 4.54 -5.10 -10.58
CA VAL B 160 3.35 -5.63 -9.93
C VAL B 160 2.54 -6.47 -10.91
N ALA B 161 2.42 -5.99 -12.16
CA ALA B 161 1.77 -6.79 -13.22
C ALA B 161 2.50 -8.18 -13.45
N ARG B 162 3.85 -8.19 -13.48
CA ARG B 162 4.63 -9.48 -13.53
C ARG B 162 4.25 -10.40 -12.40
N GLN B 163 4.18 -9.87 -11.17
CA GLN B 163 3.69 -10.65 -10.01
C GLN B 163 2.22 -11.14 -9.99
N LEU B 164 1.30 -10.31 -10.49
CA LEU B 164 -0.09 -10.70 -10.69
C LEU B 164 -0.26 -11.83 -11.70
N VAL B 165 0.57 -11.83 -12.73
CA VAL B 165 0.61 -12.87 -13.70
C VAL B 165 1.10 -14.17 -13.02
N LYS B 166 2.14 -14.07 -12.17
CA LYS B 166 2.55 -15.21 -11.32
C LYS B 166 1.43 -15.80 -10.42
N LEU B 167 0.52 -14.95 -9.94
CA LEU B 167 -0.65 -15.38 -9.18
C LEU B 167 -1.84 -15.91 -10.01
N GLY B 168 -1.66 -16.04 -11.30
CA GLY B 168 -2.72 -16.48 -12.23
C GLY B 168 -3.58 -15.41 -12.91
N GLY B 169 -3.25 -14.14 -12.79
CA GLY B 169 -4.20 -13.14 -13.32
C GLY B 169 -3.79 -12.49 -14.62
N ASP B 170 -4.71 -11.75 -15.25
CA ASP B 170 -4.40 -11.03 -16.49
C ASP B 170 -4.48 -9.52 -16.18
N PRO B 171 -3.39 -8.91 -15.67
CA PRO B 171 -3.45 -7.47 -15.29
C PRO B 171 -3.50 -6.50 -16.47
N CYS B 172 -4.53 -5.70 -16.53
CA CYS B 172 -4.70 -4.68 -17.58
C CYS B 172 -4.62 -3.25 -17.05
N TYR B 173 -3.60 -2.50 -17.46
CA TYR B 173 -3.38 -1.11 -17.05
C TYR B 173 -4.53 -0.22 -17.52
N ARG B 174 -5.15 0.49 -16.59
CA ARG B 174 -6.30 1.30 -16.88
C ARG B 174 -5.71 2.64 -17.42
N GLU B 175 -5.44 2.71 -18.73
CA GLU B 175 -4.70 3.86 -19.28
C GLU B 175 -5.47 5.21 -19.18
N GLY B 176 -4.74 6.29 -19.22
CA GLY B 176 -5.39 7.59 -19.38
C GLY B 176 -5.81 8.24 -18.11
N VAL B 177 -5.70 7.48 -17.01
CA VAL B 177 -6.25 7.98 -15.75
C VAL B 177 -5.26 7.64 -14.58
N ILE B 178 -5.39 8.38 -13.49
CA ILE B 178 -4.70 8.13 -12.23
C ILE B 178 -5.72 8.27 -11.07
N THR B 179 -5.37 7.84 -9.89
CA THR B 179 -6.19 8.02 -8.69
C THR B 179 -5.85 9.42 -8.09
N ASP B 180 -6.62 9.87 -7.07
CA ASP B 180 -6.36 11.14 -6.41
C ASP B 180 -4.91 11.27 -6.06
N ASN B 181 -4.36 10.14 -5.55
CA ASN B 181 -2.98 10.02 -5.03
C ASN B 181 -1.93 9.98 -6.09
N GLY B 182 -2.35 9.99 -7.36
CA GLY B 182 -1.38 9.95 -8.47
C GLY B 182 -0.95 8.53 -8.90
N ASN B 183 -1.64 7.51 -8.40
CA ASN B 183 -1.29 6.12 -8.66
C ASN B 183 -2.02 5.55 -9.87
N VAL B 184 -1.59 4.38 -10.38
CA VAL B 184 -2.20 3.82 -11.57
C VAL B 184 -3.05 2.69 -11.01
N ILE B 185 -3.98 2.20 -11.83
CA ILE B 185 -4.82 1.06 -11.54
C ILE B 185 -4.55 -0.04 -12.62
N LEU B 186 -4.40 -1.27 -12.12
CA LEU B 186 -4.36 -2.48 -12.93
C LEU B 186 -5.65 -3.21 -12.63
N ASP B 187 -6.40 -3.50 -13.66
CA ASP B 187 -7.63 -4.30 -13.49
C ASP B 187 -7.28 -5.69 -13.86
N VAL B 188 -7.50 -6.62 -12.94
CA VAL B 188 -6.97 -7.99 -13.10
C VAL B 188 -8.09 -8.99 -13.44
N TYR B 189 -8.00 -9.50 -14.67
CA TYR B 189 -8.98 -10.44 -15.26
C TYR B 189 -8.48 -11.88 -15.07
N GLY B 190 -9.42 -12.84 -15.14
CA GLY B 190 -9.05 -14.21 -15.37
C GLY B 190 -8.75 -14.99 -14.09
N MET B 191 -8.93 -14.36 -12.92
CA MET B 191 -8.69 -15.03 -11.64
C MET B 191 -9.95 -15.80 -11.14
N LYS B 192 -9.70 -16.94 -10.49
CA LYS B 192 -10.67 -17.78 -9.84
C LYS B 192 -10.31 -17.68 -8.36
N ILE B 193 -11.00 -16.76 -7.64
CA ILE B 193 -10.54 -16.32 -6.34
C ILE B 193 -11.21 -17.17 -5.29
N THR B 194 -10.66 -18.38 -5.17
CA THR B 194 -11.23 -19.41 -4.29
C THR B 194 -10.81 -19.19 -2.84
N ASN B 195 -9.73 -18.44 -2.60
CA ASN B 195 -9.32 -18.12 -1.22
C ASN B 195 -9.08 -16.62 -1.17
N PRO B 196 -10.16 -15.83 -1.14
CA PRO B 196 -10.04 -14.36 -1.07
C PRO B 196 -9.12 -13.79 0.06
N LYS B 197 -9.10 -14.40 1.24
CA LYS B 197 -8.24 -13.90 2.30
C LYS B 197 -6.76 -14.11 1.94
N GLN B 198 -6.42 -15.26 1.32
CA GLN B 198 -5.04 -15.52 0.91
C GLN B 198 -4.63 -14.60 -0.16
N LEU B 199 -5.52 -14.38 -1.13
CA LEU B 199 -5.09 -13.61 -2.31
C LEU B 199 -4.84 -12.14 -1.94
N GLU B 200 -5.65 -11.64 -1.03
CA GLU B 200 -5.57 -10.32 -0.48
C GLU B 200 -4.23 -10.20 0.20
N ASP B 201 -3.87 -11.22 0.99
CA ASP B 201 -2.58 -11.24 1.66
C ASP B 201 -1.46 -11.22 0.64
N GLN B 202 -1.58 -12.02 -0.42
CA GLN B 202 -0.48 -12.10 -1.40
C GLN B 202 -0.31 -10.81 -2.14
N ILE B 203 -1.41 -10.16 -2.46
CA ILE B 203 -1.28 -8.95 -3.30
C ILE B 203 -0.77 -7.80 -2.39
N ASN B 204 -1.35 -7.72 -1.21
CA ASN B 204 -0.96 -6.74 -0.19
C ASN B 204 0.53 -6.81 0.13
N ALA B 205 1.17 -7.94 -0.19
CA ALA B 205 2.56 -7.99 -0.05
C ALA B 205 3.50 -7.80 -1.20
N ILE B 206 2.99 -7.41 -2.37
CA ILE B 206 3.83 -7.07 -3.48
C ILE B 206 4.28 -5.60 -3.28
N PRO B 207 5.62 -5.31 -3.14
CA PRO B 207 6.06 -3.90 -3.11
C PRO B 207 5.53 -3.12 -4.31
N GLY B 208 4.92 -1.97 -4.03
CA GLY B 208 4.35 -1.14 -5.11
C GLY B 208 2.83 -1.12 -5.12
N VAL B 209 2.21 -2.13 -4.49
CA VAL B 209 0.75 -2.19 -4.34
C VAL B 209 0.44 -1.16 -3.28
N VAL B 210 -0.59 -0.36 -3.50
CA VAL B 210 -1.12 0.60 -2.51
C VAL B 210 -2.37 -0.03 -1.89
N THR B 211 -3.33 -0.40 -2.72
CA THR B 211 -4.61 -1.00 -2.26
C THR B 211 -5.10 -2.10 -3.25
N VAL B 212 -5.69 -3.18 -2.74
CA VAL B 212 -6.30 -4.18 -3.61
C VAL B 212 -7.83 -4.18 -3.37
N GLY B 213 -8.58 -4.20 -4.48
CA GLY B 213 -10.01 -4.20 -4.41
C GLY B 213 -10.62 -5.47 -3.85
N LEU B 214 -9.85 -6.24 -3.06
CA LEU B 214 -10.45 -7.45 -2.37
C LEU B 214 -10.91 -7.13 -1.01
N PHE B 215 -12.21 -7.16 -0.72
CA PHE B 215 -12.67 -6.88 0.69
C PHE B 215 -12.94 -8.22 1.40
N ALA B 216 -11.90 -8.81 1.95
CA ALA B 216 -11.91 -10.25 2.26
C ALA B 216 -11.67 -10.43 3.77
N HIS B 217 -10.57 -9.88 4.30
CA HIS B 217 -10.40 -9.87 5.78
C HIS B 217 -11.44 -9.03 6.49
N ARG B 218 -11.92 -7.97 5.83
CA ARG B 218 -12.99 -7.13 6.37
C ARG B 218 -14.00 -7.07 5.22
N GLY B 219 -15.09 -7.81 5.35
CA GLY B 219 -16.10 -8.01 4.30
C GLY B 219 -17.35 -7.35 4.79
N ALA B 220 -18.49 -7.75 4.22
CA ALA B 220 -19.76 -7.18 4.63
C ALA B 220 -20.31 -7.86 5.84
N ASP B 221 -20.92 -7.09 6.75
CA ASP B 221 -21.55 -7.69 7.92
C ASP B 221 -23.05 -7.93 7.65
N VAL B 222 -23.68 -7.01 6.90
CA VAL B 222 -25.07 -7.15 6.52
C VAL B 222 -25.08 -7.10 4.98
N VAL B 223 -25.87 -7.98 4.35
CA VAL B 223 -26.11 -7.88 2.89
C VAL B 223 -27.61 -7.66 2.75
N ILE B 224 -27.99 -6.55 2.14
CA ILE B 224 -29.38 -6.26 1.75
C ILE B 224 -29.38 -6.42 0.22
N THR B 225 -30.10 -7.41 -0.29
CA THR B 225 -30.25 -7.63 -1.72
C THR B 225 -31.63 -7.14 -2.08
N GLY B 226 -31.75 -6.41 -3.20
CA GLY B 226 -33.03 -6.02 -3.74
C GLY B 226 -33.52 -7.09 -4.67
N THR B 227 -34.68 -7.66 -4.34
CA THR B 227 -35.31 -8.76 -5.08
C THR B 227 -36.67 -8.30 -5.70
N PRO B 228 -37.21 -9.08 -6.67
CA PRO B 228 -38.47 -8.70 -7.32
C PRO B 228 -39.61 -8.64 -6.33
N GLU B 229 -39.43 -9.32 -5.19
CA GLU B 229 -40.34 -9.25 -4.06
C GLU B 229 -40.13 -7.98 -3.19
N GLY B 230 -38.98 -7.84 -2.55
CA GLY B 230 -38.64 -6.61 -1.77
C GLY B 230 -37.16 -6.66 -1.41
N ALA B 231 -36.73 -5.88 -0.42
CA ALA B 231 -35.35 -6.05 0.12
C ALA B 231 -35.21 -7.30 1.01
N LYS B 232 -34.18 -8.09 0.74
CA LYS B 232 -33.90 -9.27 1.54
C LYS B 232 -32.61 -9.04 2.36
N ILE B 233 -32.75 -9.15 3.67
CA ILE B 233 -31.66 -8.88 4.61
C ILE B 233 -31.01 -10.17 5.21
N GLU B 234 -29.68 -10.23 5.03
CA GLU B 234 -28.85 -11.37 5.40
C GLU B 234 -27.85 -10.83 6.45
N GLU B 235 -28.13 -11.09 7.74
CA GLU B 235 -27.32 -10.62 8.89
C GLU B 235 -26.55 -11.78 9.48
#